data_3RW6
#
_entry.id   3RW6
#
_cell.length_a   55.412
_cell.length_b   117.048
_cell.length_c   84.773
_cell.angle_alpha   90.000
_cell.angle_beta   106.400
_cell.angle_gamma   90.000
#
_symmetry.space_group_name_H-M   'P 1 21 1'
#
loop_
_entity.id
_entity.type
_entity.pdbx_description
1 polymer 'Nuclear RNA export factor 1'
2 polymer 'constitutive transport element(CTE)of Mason-Pfizer monkey virus RNA'
3 water water
#
loop_
_entity_poly.entity_id
_entity_poly.type
_entity_poly.pdbx_seq_one_letter_code
_entity_poly.pdbx_strand_id
1 'polypeptide(L)'
;VRRDRAPPERGGAGTSQDGTSKNWFKITIPYGRKYDKAWLLSMIQSKCSVPFTPIEFHYENTRAQFFVEDASTASALKAV
NYKILDRENRRISIIINSSAPPHTILNELKPEQVEQLKLIMSKRYDGSQQALDLKGLRSDPDLVAQNIDVVLNRRSCMAA
TLRIIEENIPELLSLNLSNNRLYRLDDMSSIVQKAPNLKILNLSGNELKSERELDKIKGLKLEELWLDGNSLCDTFRDQS
TYISAIRERFPKLLRLDGHELPPPIAF
;
A,B
2 'polyribonucleotide' (GTP)GCACUAACCUAAGACAGGAGGGCCGGGAAACCUGCCUAAUCCAAUGACGGGUAAUAGUGU(CCC) H,F
#
loop_
_chem_comp.id
_chem_comp.type
_chem_comp.name
_chem_comp.formula
A RNA linking ADENOSINE-5'-MONOPHOSPHATE 'C10 H14 N5 O7 P'
C RNA linking CYTIDINE-5'-MONOPHOSPHATE 'C9 H14 N3 O8 P'
CCC RNA linking 'CYTIDINE-5'-PHOSPHATE-2',3'-CYCLIC PHOSPHATE' 'C9 H13 N3 O10 P2'
G RNA linking GUANOSINE-5'-MONOPHOSPHATE 'C10 H14 N5 O8 P'
GTP non-polymer GUANOSINE-5'-TRIPHOSPHATE 'C10 H16 N5 O14 P3'
U RNA linking URIDINE-5'-MONOPHOSPHATE 'C9 H13 N2 O9 P'
#
# COMPACT_ATOMS: atom_id res chain seq x y z
N ASN A 23 0.82 35.07 7.41
CA ASN A 23 0.36 35.03 8.81
C ASN A 23 -1.14 34.74 8.98
N TRP A 24 -1.59 34.50 10.22
CA TRP A 24 -2.59 33.45 10.50
C TRP A 24 -4.09 33.75 10.49
N PHE A 25 -4.87 32.69 10.26
CA PHE A 25 -6.34 32.79 10.23
C PHE A 25 -7.08 31.68 10.99
N LYS A 26 -8.03 32.10 11.82
CA LYS A 26 -8.94 31.19 12.50
C LYS A 26 -10.11 30.86 11.59
N ILE A 27 -10.38 29.56 11.43
CA ILE A 27 -11.48 29.11 10.60
C ILE A 27 -12.58 28.45 11.42
N THR A 28 -13.71 29.11 11.56
CA THR A 28 -14.81 28.60 12.38
C THR A 28 -15.82 27.89 11.50
N ILE A 29 -16.27 26.73 11.96
CA ILE A 29 -17.29 25.97 11.28
C ILE A 29 -18.42 25.76 12.24
N PRO A 30 -19.49 26.55 12.09
CA PRO A 30 -20.65 26.45 12.98
C PRO A 30 -21.20 25.03 12.95
N TYR A 31 -21.73 24.57 14.07
CA TYR A 31 -22.29 23.23 14.16
C TYR A 31 -21.25 22.14 13.86
N GLY A 32 -20.02 22.55 13.55
CA GLY A 32 -18.96 21.65 13.14
C GLY A 32 -18.69 20.48 14.07
N ARG A 33 -19.11 20.64 15.33
CA ARG A 33 -18.96 19.57 16.31
C ARG A 33 -19.50 18.25 15.79
N LYS A 34 -20.66 18.31 15.14
CA LYS A 34 -21.41 17.10 14.81
C LYS A 34 -20.87 16.32 13.63
N TYR A 35 -19.75 16.75 13.05
CA TYR A 35 -19.19 16.04 11.91
C TYR A 35 -17.88 15.30 12.21
N ASP A 36 -17.62 14.25 11.43
CA ASP A 36 -16.38 13.49 11.50
C ASP A 36 -15.20 14.35 11.06
N LYS A 37 -14.24 14.56 11.96
CA LYS A 37 -13.06 15.36 11.60
C LYS A 37 -12.47 14.97 10.24
N ALA A 38 -12.15 13.69 10.06
CA ALA A 38 -11.51 13.20 8.84
C ALA A 38 -12.35 13.44 7.60
N TRP A 39 -13.67 13.24 7.73
CA TRP A 39 -14.58 13.44 6.63
C TRP A 39 -14.67 14.92 6.28
N LEU A 40 -15.20 15.68 7.23
CA LEU A 40 -15.29 17.11 7.14
C LEU A 40 -14.07 17.72 6.49
N LEU A 41 -12.89 17.34 6.96
CA LEU A 41 -11.67 17.93 6.41
C LEU A 41 -11.47 17.44 4.99
N SER A 42 -11.92 16.21 4.73
CA SER A 42 -11.83 15.65 3.39
C SER A 42 -12.74 16.42 2.42
N MET A 43 -14.03 16.50 2.77
CA MET A 43 -14.97 17.32 2.01
C MET A 43 -14.32 18.66 1.69
N ILE A 44 -14.05 19.41 2.75
CA ILE A 44 -13.45 20.72 2.60
C ILE A 44 -12.23 20.67 1.69
N GLN A 45 -11.27 19.82 2.02
CA GLN A 45 -10.05 19.76 1.24
C GLN A 45 -10.33 19.45 -0.22
N SER A 46 -11.32 18.60 -0.47
CA SER A 46 -11.60 18.20 -1.84
C SER A 46 -11.98 19.41 -2.65
N LYS A 47 -12.98 20.14 -2.15
CA LYS A 47 -13.55 21.28 -2.85
C LYS A 47 -12.69 22.52 -2.81
N CYS A 48 -11.49 22.40 -2.27
CA CYS A 48 -10.66 23.56 -2.02
C CYS A 48 -9.49 23.67 -2.98
N SER A 49 -9.49 24.73 -3.77
CA SER A 49 -8.49 24.93 -4.83
C SER A 49 -7.06 25.07 -4.32
N VAL A 50 -6.87 24.80 -3.04
CA VAL A 50 -5.53 24.83 -2.46
C VAL A 50 -5.42 23.70 -1.45
N PRO A 51 -4.22 23.12 -1.33
CA PRO A 51 -3.95 22.17 -0.25
C PRO A 51 -3.71 22.94 1.05
N PHE A 52 -4.35 22.49 2.13
CA PHE A 52 -4.18 23.15 3.42
C PHE A 52 -3.93 22.18 4.55
N THR A 53 -3.09 22.60 5.49
CA THR A 53 -2.88 21.84 6.72
C THR A 53 -3.52 22.59 7.90
N PRO A 54 -4.59 22.04 8.45
CA PRO A 54 -5.24 22.67 9.62
C PRO A 54 -4.39 22.58 10.90
N ILE A 55 -4.23 23.72 11.57
CA ILE A 55 -3.48 23.79 12.81
C ILE A 55 -4.44 23.86 13.99
N GLU A 56 -4.18 23.04 15.00
CA GLU A 56 -4.94 23.06 16.23
C GLU A 56 -6.43 22.93 15.98
N PHE A 57 -6.80 21.92 15.19
CA PHE A 57 -8.20 21.65 14.96
C PHE A 57 -8.79 21.19 16.27
N HIS A 58 -9.79 21.90 16.77
CA HIS A 58 -10.38 21.54 18.05
C HIS A 58 -11.85 21.92 18.10
N TYR A 59 -12.66 21.15 18.86
CA TYR A 59 -14.06 21.47 19.09
C TYR A 59 -14.15 22.53 20.16
N GLU A 60 -15.26 23.26 20.16
CA GLU A 60 -15.44 24.38 21.06
CA GLU A 60 -15.46 24.37 21.06
C GLU A 60 -16.94 24.66 21.05
N ASN A 61 -17.65 24.15 22.05
CA ASN A 61 -19.10 24.11 22.06
C ASN A 61 -19.57 23.30 20.88
N THR A 62 -20.43 23.92 20.07
CA THR A 62 -20.96 23.27 18.89
C THR A 62 -20.03 23.47 17.70
N ARG A 63 -19.15 24.45 17.79
CA ARG A 63 -18.26 24.76 16.67
C ARG A 63 -17.12 23.79 16.55
N ALA A 64 -16.61 23.60 15.35
CA ALA A 64 -15.29 23.05 15.12
C ALA A 64 -14.45 24.27 14.82
N GLN A 65 -13.15 24.18 15.01
CA GLN A 65 -12.29 25.34 14.95
C GLN A 65 -10.89 24.92 14.58
N PHE A 66 -10.26 25.64 13.67
CA PHE A 66 -8.85 25.38 13.36
C PHE A 66 -8.17 26.61 12.79
N PHE A 67 -6.89 26.50 12.48
CA PHE A 67 -6.11 27.65 12.02
C PHE A 67 -5.37 27.28 10.77
N VAL A 68 -5.05 28.30 10.01
CA VAL A 68 -4.42 28.11 8.73
C VAL A 68 -3.42 29.25 8.55
N GLU A 69 -2.38 29.00 7.78
CA GLU A 69 -1.21 29.87 7.76
C GLU A 69 -1.37 31.22 7.06
N ASP A 70 -1.97 31.24 5.86
CA ASP A 70 -1.96 32.47 5.07
C ASP A 70 -3.27 32.89 4.39
N ALA A 71 -3.27 34.10 3.86
CA ALA A 71 -4.46 34.72 3.24
C ALA A 71 -4.90 33.97 1.99
N SER A 72 -3.93 33.52 1.21
CA SER A 72 -4.24 32.74 0.03
C SER A 72 -5.06 31.51 0.41
N THR A 73 -4.60 30.79 1.43
CA THR A 73 -5.29 29.58 1.88
C THR A 73 -6.63 29.93 2.52
N ALA A 74 -6.69 31.05 3.21
CA ALA A 74 -7.90 31.43 3.94
C ALA A 74 -9.07 31.74 3.00
N SER A 75 -8.87 32.61 2.02
CA SER A 75 -9.95 32.91 1.08
C SER A 75 -10.36 31.65 0.31
N ALA A 76 -9.37 30.88 -0.14
CA ALA A 76 -9.62 29.61 -0.79
C ALA A 76 -10.57 28.74 0.05
N LEU A 77 -10.44 28.83 1.37
CA LEU A 77 -11.31 28.07 2.26
C LEU A 77 -12.70 28.70 2.27
N LYS A 78 -12.73 30.09 2.20
CA LYS A 78 -14.00 30.81 2.11
C LYS A 78 -14.78 30.35 0.89
N ALA A 79 -14.08 30.19 -0.23
CA ALA A 79 -14.70 29.78 -1.49
C ALA A 79 -15.55 28.51 -1.38
N VAL A 80 -15.18 27.61 -0.49
CA VAL A 80 -15.87 26.33 -0.37
C VAL A 80 -17.27 26.49 0.23
N ASN A 81 -17.63 27.73 0.55
CA ASN A 81 -18.85 28.00 1.31
C ASN A 81 -20.17 27.53 0.73
N TYR A 82 -20.37 27.62 -0.58
CA TYR A 82 -21.65 27.14 -1.07
C TYR A 82 -21.46 25.80 -1.77
N LYS A 83 -20.20 25.36 -1.82
CA LYS A 83 -19.79 24.16 -2.54
C LYS A 83 -19.74 22.90 -1.67
N ILE A 84 -20.49 22.91 -0.54
CA ILE A 84 -20.43 21.69 0.27
C ILE A 84 -21.63 21.50 1.16
N LEU A 85 -22.08 20.26 1.23
CA LEU A 85 -23.32 19.93 1.89
C LEU A 85 -23.06 18.75 2.80
N ASP A 86 -23.74 18.70 3.94
CA ASP A 86 -23.62 17.55 4.80
C ASP A 86 -24.55 16.47 4.25
N ARG A 87 -24.70 15.37 4.96
CA ARG A 87 -25.49 14.27 4.43
C ARG A 87 -26.99 14.53 4.63
N GLU A 88 -27.32 15.46 5.52
CA GLU A 88 -28.71 15.83 5.73
C GLU A 88 -29.14 16.94 4.77
N ASN A 89 -28.37 17.11 3.70
CA ASN A 89 -28.66 18.13 2.70
C ASN A 89 -28.68 19.56 3.24
N ARG A 90 -27.97 19.78 4.35
CA ARG A 90 -27.80 21.11 4.90
C ARG A 90 -26.40 21.63 4.51
N ARG A 91 -26.25 22.95 4.39
CA ARG A 91 -24.95 23.50 4.01
C ARG A 91 -24.03 23.72 5.20
N ILE A 92 -22.73 23.64 4.92
CA ILE A 92 -21.74 23.78 5.95
C ILE A 92 -20.92 25.05 5.71
N SER A 93 -20.96 25.96 6.68
CA SER A 93 -20.36 27.29 6.56
C SER A 93 -18.93 27.34 7.03
N ILE A 94 -18.09 28.00 6.25
CA ILE A 94 -16.71 28.19 6.61
C ILE A 94 -16.48 29.67 6.85
N ILE A 95 -16.21 30.01 8.11
CA ILE A 95 -16.05 31.40 8.50
C ILE A 95 -14.58 31.68 8.80
N ILE A 96 -14.11 32.82 8.33
CA ILE A 96 -12.69 33.14 8.39
C ILE A 96 -12.39 34.47 9.07
N ASN A 97 -11.37 34.49 9.91
CA ASN A 97 -10.97 35.68 10.63
C ASN A 97 -9.48 35.66 10.91
N SER A 98 -8.82 36.75 10.58
CA SER A 98 -7.40 36.88 10.87
C SER A 98 -7.23 36.71 12.37
N SER A 99 -6.09 36.19 12.80
CA SER A 99 -5.88 35.96 14.23
C SER A 99 -4.41 35.92 14.63
N ALA A 100 -4.19 35.86 15.94
CA ALA A 100 -2.84 35.64 16.47
C ALA A 100 -2.40 34.25 16.07
N PRO A 101 -1.09 34.06 15.91
CA PRO A 101 -0.60 32.70 15.66
C PRO A 101 -1.02 31.81 16.83
N PRO A 102 -1.33 30.53 16.56
CA PRO A 102 -1.72 29.57 17.60
C PRO A 102 -0.54 29.29 18.52
N HIS A 103 -0.83 28.88 19.76
CA HIS A 103 0.24 28.67 20.74
C HIS A 103 1.32 27.71 20.28
N THR A 104 0.92 26.57 19.74
CA THR A 104 1.88 25.61 19.23
C THR A 104 2.81 26.24 18.20
N ILE A 105 2.37 27.31 17.54
CA ILE A 105 3.26 27.99 16.61
C ILE A 105 4.15 28.97 17.34
N LEU A 106 3.59 29.66 18.33
CA LEU A 106 4.36 30.61 19.12
C LEU A 106 5.41 29.92 19.99
N ASN A 107 5.22 28.63 20.26
CA ASN A 107 6.13 27.88 21.12
C ASN A 107 7.39 27.41 20.42
N GLU A 108 7.31 27.30 19.11
CA GLU A 108 8.48 26.94 18.33
C GLU A 108 9.62 27.86 18.72
N LEU A 109 10.84 27.37 18.60
CA LEU A 109 12.00 28.13 19.02
C LEU A 109 12.45 29.04 17.91
N LYS A 110 12.81 30.25 18.29
CA LYS A 110 13.29 31.23 17.33
C LYS A 110 14.76 30.97 17.06
N PRO A 111 15.24 31.38 15.87
CA PRO A 111 16.63 31.12 15.46
C PRO A 111 17.63 31.46 16.55
N GLU A 112 17.43 32.63 17.16
CA GLU A 112 18.30 33.08 18.24
C GLU A 112 18.31 32.11 19.40
N GLN A 113 17.14 31.54 19.71
CA GLN A 113 17.01 30.57 20.78
C GLN A 113 17.69 29.26 20.44
N VAL A 114 17.48 28.79 19.21
CA VAL A 114 18.18 27.61 18.74
C VAL A 114 19.68 27.81 18.93
N GLU A 115 20.15 29.00 18.56
CA GLU A 115 21.55 29.34 18.66
C GLU A 115 22.11 29.13 20.06
N GLN A 116 21.35 29.57 21.06
CA GLN A 116 21.74 29.35 22.44
C GLN A 116 21.59 27.87 22.81
N LEU A 117 20.63 27.19 22.17
CA LEU A 117 20.46 25.78 22.42
C LEU A 117 21.68 24.99 21.98
N LYS A 118 22.12 25.20 20.74
CA LYS A 118 23.36 24.59 20.29
C LYS A 118 24.43 24.80 21.36
N LEU A 119 24.61 26.05 21.76
CA LEU A 119 25.59 26.43 22.79
C LEU A 119 25.54 25.53 24.03
N ILE A 120 24.38 25.45 24.66
CA ILE A 120 24.21 24.66 25.88
C ILE A 120 24.48 23.17 25.65
N MET A 121 24.06 22.65 24.50
CA MET A 121 24.31 21.25 24.21
C MET A 121 25.82 20.98 24.27
N SER A 122 26.58 21.92 23.71
CA SER A 122 28.04 21.78 23.67
C SER A 122 28.66 21.62 25.06
N LYS A 123 28.19 22.40 26.03
CA LYS A 123 28.63 22.24 27.41
C LYS A 123 28.29 20.86 27.96
N ARG A 124 27.21 20.28 27.43
CA ARG A 124 26.68 19.02 27.93
C ARG A 124 27.23 17.89 27.07
N TYR A 125 28.19 18.24 26.22
CA TYR A 125 28.81 17.29 25.31
C TYR A 125 30.23 16.90 25.77
N ASP A 126 30.44 15.59 25.90
CA ASP A 126 31.74 15.04 26.27
C ASP A 126 32.46 14.55 25.01
N GLY A 127 33.60 15.16 24.72
CA GLY A 127 34.33 14.85 23.50
C GLY A 127 34.98 13.49 23.51
N SER A 128 35.51 13.10 24.66
CA SER A 128 36.28 11.86 24.77
C SER A 128 35.38 10.64 24.74
N GLN A 129 34.08 10.88 24.85
CA GLN A 129 33.15 9.78 24.81
C GLN A 129 32.07 9.98 23.76
N GLN A 130 32.16 11.11 23.06
CA GLN A 130 31.12 11.50 22.11
C GLN A 130 29.74 11.32 22.71
N ALA A 131 29.58 11.78 23.95
CA ALA A 131 28.35 11.60 24.70
C ALA A 131 27.63 12.93 24.96
N LEU A 132 26.39 13.02 24.51
CA LEU A 132 25.56 14.20 24.73
C LEU A 132 24.60 13.97 25.90
N ASP A 133 24.71 14.82 26.91
CA ASP A 133 23.88 14.70 28.12
C ASP A 133 22.73 15.71 28.18
N LEU A 134 21.55 15.31 27.71
CA LEU A 134 20.37 16.17 27.71
C LEU A 134 19.42 15.86 28.84
N LYS A 135 19.94 15.30 29.92
CA LYS A 135 19.08 14.89 31.02
C LYS A 135 18.42 16.11 31.68
N GLY A 136 17.10 16.05 31.84
CA GLY A 136 16.40 17.13 32.50
C GLY A 136 16.76 18.47 31.90
N LEU A 137 16.79 18.49 30.56
CA LEU A 137 17.23 19.67 29.82
C LEU A 137 16.46 20.95 30.16
N ARG A 138 15.14 20.85 30.33
CA ARG A 138 14.30 22.03 30.57
C ARG A 138 14.78 22.92 31.72
N SER A 139 15.51 22.34 32.66
CA SER A 139 15.91 23.07 33.86
C SER A 139 17.35 23.60 33.82
N ASP A 140 18.00 23.42 32.68
CA ASP A 140 19.33 23.97 32.51
C ASP A 140 19.28 25.47 32.85
N PRO A 141 20.17 25.91 33.78
CA PRO A 141 20.20 27.27 34.29
C PRO A 141 20.51 28.30 33.22
N ASP A 142 21.25 27.88 32.19
CA ASP A 142 21.53 28.75 31.06
C ASP A 142 20.31 28.92 30.14
N LEU A 143 19.42 27.93 30.12
CA LEU A 143 18.18 28.08 29.36
C LEU A 143 17.22 28.96 30.13
N VAL A 144 17.08 28.67 31.43
CA VAL A 144 16.25 29.44 32.34
C VAL A 144 16.63 30.91 32.32
N ALA A 145 17.97 31.16 32.34
CA ALA A 145 18.48 32.54 32.36
C ALA A 145 18.12 33.32 31.10
N GLN A 146 17.93 32.63 29.98
CA GLN A 146 17.65 33.34 28.73
C GLN A 146 16.23 33.14 28.25
N ASN A 147 15.38 32.75 29.20
CA ASN A 147 13.96 32.61 28.93
C ASN A 147 13.72 31.73 27.72
N ILE A 148 14.50 30.55 27.81
CA ILE A 148 14.23 29.63 26.73
C ILE A 148 13.55 28.40 27.29
N ASP A 149 12.29 28.18 26.90
CA ASP A 149 11.57 27.02 27.35
C ASP A 149 11.82 25.91 26.36
N VAL A 150 12.46 24.83 26.81
CA VAL A 150 12.75 23.70 25.95
C VAL A 150 12.09 22.43 26.49
N VAL A 151 11.04 22.03 25.80
CA VAL A 151 10.22 20.89 26.18
C VAL A 151 10.42 19.84 25.11
N LEU A 152 11.15 18.79 25.42
CA LEU A 152 11.53 17.85 24.37
C LEU A 152 10.35 17.02 23.87
N ASN A 153 9.28 16.92 24.65
CA ASN A 153 8.08 16.26 24.17
C ASN A 153 7.45 17.03 23.00
N ARG A 154 7.71 18.34 22.92
CA ARG A 154 7.20 19.14 21.80
C ARG A 154 7.96 18.82 20.52
N ARG A 155 7.21 18.61 19.44
CA ARG A 155 7.81 18.24 18.16
C ARG A 155 8.83 19.25 17.61
N SER A 156 8.55 20.54 17.75
CA SER A 156 9.47 21.56 17.24
C SER A 156 10.78 21.52 18.02
N CYS A 157 10.68 21.31 19.33
CA CYS A 157 11.86 21.13 20.18
C CYS A 157 12.68 19.93 19.77
N MET A 158 12.01 18.78 19.65
CA MET A 158 12.71 17.54 19.34
C MET A 158 13.39 17.70 17.99
N ALA A 159 12.71 18.33 17.05
CA ALA A 159 13.24 18.57 15.72
C ALA A 159 14.51 19.42 15.74
N ALA A 160 14.49 20.52 16.51
CA ALA A 160 15.62 21.43 16.56
C ALA A 160 16.83 20.77 17.21
N THR A 161 16.56 20.00 18.25
CA THR A 161 17.59 19.25 18.95
C THR A 161 18.28 18.26 18.02
N LEU A 162 17.50 17.53 17.25
CA LEU A 162 18.03 16.50 16.36
C LEU A 162 18.82 17.13 15.23
N ARG A 163 18.26 18.19 14.65
CA ARG A 163 18.93 18.96 13.61
C ARG A 163 20.29 19.42 14.10
N ILE A 164 20.33 20.01 15.28
CA ILE A 164 21.59 20.44 15.86
C ILE A 164 22.56 19.27 15.94
N ILE A 165 22.03 18.09 16.19
CA ILE A 165 22.86 16.89 16.33
C ILE A 165 23.32 16.41 14.98
N GLU A 166 22.44 16.52 14.00
CA GLU A 166 22.73 16.17 12.62
C GLU A 166 23.80 17.07 12.00
N GLU A 167 23.79 18.35 12.37
CA GLU A 167 24.71 19.31 11.76
C GLU A 167 26.00 19.54 12.53
N ASN A 168 26.07 19.06 13.75
CA ASN A 168 27.26 19.36 14.55
C ASN A 168 27.95 18.13 15.15
N ILE A 169 27.22 17.03 15.25
CA ILE A 169 27.76 15.85 15.90
C ILE A 169 27.02 14.58 15.47
N PRO A 170 26.94 14.33 14.15
CA PRO A 170 26.26 13.16 13.61
C PRO A 170 26.96 11.86 14.02
N GLU A 171 28.18 11.99 14.54
CA GLU A 171 28.98 10.86 14.99
C GLU A 171 28.60 10.49 16.42
N LEU A 172 27.51 11.07 16.91
CA LEU A 172 27.11 10.89 18.31
C LEU A 172 27.09 9.42 18.68
N LEU A 173 27.65 9.11 19.83
CA LEU A 173 27.76 7.74 20.26
C LEU A 173 26.80 7.48 21.42
N SER A 174 26.70 8.45 22.32
CA SER A 174 25.94 8.25 23.55
C SER A 174 24.98 9.40 23.83
N LEU A 175 23.70 9.09 23.91
CA LEU A 175 22.67 10.10 24.15
C LEU A 175 21.96 9.88 25.47
N ASN A 176 21.74 10.97 26.21
CA ASN A 176 21.03 10.88 27.48
C ASN A 176 19.79 11.78 27.45
N LEU A 177 18.63 11.15 27.41
CA LEU A 177 17.38 11.87 27.40
C LEU A 177 16.52 11.52 28.60
N SER A 178 17.15 11.14 29.70
CA SER A 178 16.36 10.78 30.88
C SER A 178 15.68 12.01 31.47
N ASN A 179 14.61 11.78 32.23
CA ASN A 179 13.96 12.85 32.99
C ASN A 179 13.52 14.06 32.13
N ASN A 180 12.96 13.80 30.96
CA ASN A 180 12.45 14.88 30.13
C ASN A 180 10.94 14.84 29.83
N ARG A 181 10.19 14.13 30.66
CA ARG A 181 8.75 13.97 30.45
C ARG A 181 8.43 13.64 29.00
N LEU A 182 9.12 12.65 28.45
CA LEU A 182 8.76 12.21 27.11
C LEU A 182 7.55 11.31 27.22
N TYR A 183 6.51 11.65 26.46
CA TYR A 183 5.30 10.88 26.44
C TYR A 183 5.27 9.98 25.23
N ARG A 184 6.17 10.21 24.29
CA ARG A 184 6.30 9.30 23.15
C ARG A 184 7.58 9.55 22.40
N LEU A 185 7.83 8.74 21.38
CA LEU A 185 9.06 8.85 20.61
C LEU A 185 8.80 9.12 19.13
N ASP A 186 7.55 9.41 18.80
CA ASP A 186 7.21 9.70 17.40
C ASP A 186 8.18 10.70 16.77
N ASP A 187 8.49 11.76 17.50
CA ASP A 187 9.34 12.82 16.97
C ASP A 187 10.82 12.46 16.92
N MET A 188 11.17 11.26 17.39
CA MET A 188 12.56 10.84 17.40
C MET A 188 12.92 9.93 16.24
N SER A 189 11.91 9.49 15.50
CA SER A 189 12.09 8.45 14.49
C SER A 189 13.24 8.71 13.51
N SER A 190 13.45 9.98 13.19
CA SER A 190 14.46 10.37 12.22
C SER A 190 15.87 10.34 12.83
N ILE A 191 15.99 9.86 14.06
CA ILE A 191 17.29 9.81 14.68
C ILE A 191 18.11 8.71 14.06
N VAL A 192 17.44 7.64 13.65
CA VAL A 192 18.11 6.51 13.03
C VAL A 192 19.02 7.05 11.93
N GLN A 193 18.49 7.97 11.13
CA GLN A 193 19.26 8.60 10.05
C GLN A 193 20.16 9.75 10.53
N LYS A 194 19.74 10.49 11.55
CA LYS A 194 20.51 11.66 12.01
C LYS A 194 21.77 11.32 12.84
N ALA A 195 21.67 10.33 13.72
CA ALA A 195 22.82 9.91 14.49
C ALA A 195 23.00 8.41 14.31
N PRO A 196 23.48 8.00 13.13
CA PRO A 196 23.47 6.60 12.70
C PRO A 196 24.30 5.67 13.59
N ASN A 197 25.36 6.19 14.20
CA ASN A 197 26.24 5.35 15.00
C ASN A 197 25.89 5.35 16.48
N LEU A 198 24.73 5.90 16.81
CA LEU A 198 24.33 5.94 18.21
C LEU A 198 24.32 4.51 18.78
N LYS A 199 25.03 4.30 19.88
CA LYS A 199 25.13 2.97 20.49
C LYS A 199 24.56 2.93 21.92
N ILE A 200 24.43 4.09 22.56
CA ILE A 200 24.00 4.16 23.95
C ILE A 200 22.85 5.17 24.07
N LEU A 201 21.78 4.80 24.75
CA LEU A 201 20.56 5.63 24.81
C LEU A 201 19.84 5.48 26.13
N ASN A 202 19.76 6.57 26.87
CA ASN A 202 19.12 6.54 28.18
C ASN A 202 17.78 7.25 28.09
N LEU A 203 16.70 6.53 28.30
CA LEU A 203 15.37 7.11 28.19
C LEU A 203 14.63 6.91 29.50
N SER A 204 15.39 6.69 30.55
CA SER A 204 14.79 6.38 31.85
C SER A 204 14.19 7.65 32.44
N GLY A 205 13.18 7.48 33.29
CA GLY A 205 12.57 8.60 33.99
C GLY A 205 11.61 9.42 33.14
N ASN A 206 11.04 8.78 32.11
CA ASN A 206 10.13 9.46 31.22
C ASN A 206 8.73 8.88 31.35
N GLU A 207 7.86 9.10 30.36
CA GLU A 207 6.47 8.64 30.48
C GLU A 207 6.10 7.70 29.34
N LEU A 208 7.07 6.94 28.85
CA LEU A 208 6.81 6.04 27.73
C LEU A 208 5.87 4.93 28.19
N LYS A 209 4.71 4.81 27.54
CA LYS A 209 3.65 3.97 28.07
C LYS A 209 3.79 2.51 27.70
N SER A 210 4.51 2.23 26.62
CA SER A 210 4.56 0.89 26.05
C SER A 210 5.83 0.65 25.25
N GLU A 211 6.22 -0.62 25.16
CA GLU A 211 7.45 -1.01 24.48
C GLU A 211 7.37 -0.73 22.99
N ARG A 212 6.16 -0.40 22.52
CA ARG A 212 5.96 -0.14 21.10
C ARG A 212 6.55 1.21 20.70
N GLU A 213 6.70 2.11 21.66
CA GLU A 213 7.41 3.37 21.41
C GLU A 213 8.79 3.09 20.82
N LEU A 214 9.33 1.90 21.09
CA LEU A 214 10.65 1.51 20.61
C LEU A 214 10.74 1.21 19.12
N ASP A 215 9.63 0.84 18.48
CA ASP A 215 9.67 0.55 17.04
C ASP A 215 9.95 1.81 16.23
N LYS A 216 9.75 2.88 16.79
CA LYS A 216 9.93 4.16 16.08
C LYS A 216 11.40 4.46 15.91
N ILE A 217 12.17 3.83 16.71
CA ILE A 217 13.61 4.03 16.65
C ILE A 217 14.36 2.70 16.56
N LYS A 218 13.65 1.64 16.21
CA LYS A 218 14.26 0.30 16.20
C LYS A 218 15.44 0.18 15.23
N GLY A 219 15.55 1.15 14.31
CA GLY A 219 16.66 1.19 13.37
C GLY A 219 18.02 1.29 14.05
N LEU A 220 18.04 1.84 15.25
CA LEU A 220 19.29 2.07 15.98
C LEU A 220 19.99 0.79 16.35
N LYS A 221 21.28 0.73 16.09
CA LYS A 221 22.09 -0.41 16.50
C LYS A 221 22.59 -0.22 17.94
N LEU A 222 21.64 -0.20 18.88
CA LEU A 222 21.98 0.03 20.28
C LEU A 222 22.79 -1.11 20.89
N GLU A 223 23.65 -0.75 21.83
CA GLU A 223 24.39 -1.69 22.69
C GLU A 223 23.93 -1.53 24.12
N GLU A 224 23.61 -0.29 24.49
CA GLU A 224 23.18 0.04 25.84
C GLU A 224 21.90 0.87 25.82
N LEU A 225 20.97 0.57 26.72
CA LEU A 225 19.69 1.26 26.75
C LEU A 225 19.11 1.24 28.16
N TRP A 226 18.48 2.35 28.56
CA TRP A 226 17.81 2.40 29.85
C TRP A 226 16.34 2.75 29.68
N LEU A 227 15.46 2.05 30.39
CA LEU A 227 14.03 2.30 30.24
C LEU A 227 13.32 2.47 31.58
N ASP A 228 14.03 2.24 32.67
CA ASP A 228 13.41 2.23 33.98
C ASP A 228 12.85 3.60 34.34
N GLY A 229 11.74 3.62 35.07
CA GLY A 229 11.04 4.85 35.38
C GLY A 229 9.89 5.07 34.42
N ASN A 230 10.01 4.53 33.21
CA ASN A 230 8.88 4.52 32.28
C ASN A 230 7.90 3.44 32.66
N SER A 231 6.63 3.80 32.76
CA SER A 231 5.59 2.84 33.13
C SER A 231 5.46 1.67 32.17
N LEU A 232 6.18 1.70 31.05
CA LEU A 232 6.11 0.57 30.12
C LEU A 232 6.70 -0.69 30.77
N CYS A 233 7.68 -0.51 31.64
CA CYS A 233 8.36 -1.63 32.29
C CYS A 233 7.40 -2.53 33.05
N ASP A 234 6.39 -1.92 33.66
CA ASP A 234 5.44 -2.64 34.51
C ASP A 234 4.45 -3.51 33.73
N THR A 235 4.44 -3.40 32.41
CA THR A 235 3.60 -4.28 31.58
C THR A 235 4.18 -5.68 31.39
N PHE A 236 5.15 -6.06 32.21
CA PHE A 236 5.74 -7.39 32.10
C PHE A 236 5.65 -8.13 33.42
N ARG A 237 5.51 -9.45 33.33
CA ARG A 237 5.41 -10.29 34.51
C ARG A 237 6.77 -10.83 34.96
N ASP A 238 7.81 -10.51 34.20
CA ASP A 238 9.18 -10.82 34.64
C ASP A 238 10.25 -10.16 33.76
N GLN A 239 11.48 -10.15 34.24
CA GLN A 239 12.57 -9.54 33.51
C GLN A 239 12.88 -10.22 32.19
N SER A 240 12.62 -11.53 32.12
CA SER A 240 12.98 -12.35 30.96
C SER A 240 12.21 -11.94 29.71
N THR A 241 10.90 -11.82 29.87
CA THR A 241 10.00 -11.32 28.82
C THR A 241 10.38 -9.91 28.44
N TYR A 242 10.60 -9.09 29.48
CA TYR A 242 11.00 -7.70 29.33
C TYR A 242 12.29 -7.66 28.51
N ILE A 243 13.21 -8.55 28.80
CA ILE A 243 14.47 -8.54 28.09
C ILE A 243 14.28 -8.90 26.62
N SER A 244 13.56 -9.98 26.35
CA SER A 244 13.35 -10.42 24.98
C SER A 244 12.59 -9.36 24.18
N ALA A 245 11.59 -8.73 24.82
CA ALA A 245 10.83 -7.66 24.17
C ALA A 245 11.75 -6.55 23.63
N ILE A 246 12.75 -6.16 24.39
CA ILE A 246 13.68 -5.13 23.92
C ILE A 246 14.60 -5.68 22.83
N ARG A 247 14.91 -6.98 22.92
CA ARG A 247 15.89 -7.60 22.04
C ARG A 247 15.33 -7.78 20.62
N GLU A 248 14.01 -7.81 20.51
CA GLU A 248 13.37 -7.83 19.21
C GLU A 248 13.79 -6.61 18.40
N ARG A 249 13.90 -5.47 19.09
CA ARG A 249 14.24 -4.23 18.42
C ARG A 249 15.75 -4.01 18.38
N PHE A 250 16.44 -4.53 19.39
CA PHE A 250 17.87 -4.34 19.51
C PHE A 250 18.56 -5.66 19.84
N PRO A 251 18.72 -6.49 18.81
CA PRO A 251 19.20 -7.88 18.90
C PRO A 251 20.61 -7.97 19.46
N LYS A 252 21.40 -6.92 19.28
CA LYS A 252 22.78 -6.89 19.79
C LYS A 252 22.88 -6.18 21.13
N LEU A 253 21.74 -5.84 21.73
CA LEU A 253 21.81 -5.11 22.99
C LEU A 253 22.64 -5.89 24.01
N LEU A 254 23.61 -5.21 24.62
CA LEU A 254 24.52 -5.82 25.59
C LEU A 254 24.15 -5.49 27.02
N ARG A 255 23.78 -4.24 27.25
CA ARG A 255 23.37 -3.79 28.59
C ARG A 255 21.97 -3.16 28.57
N LEU A 256 21.21 -3.36 29.65
CA LEU A 256 19.87 -2.81 29.75
C LEU A 256 19.59 -2.37 31.18
N ASP A 257 19.35 -1.07 31.38
CA ASP A 257 19.08 -0.51 32.70
C ASP A 257 20.28 -0.70 33.62
N GLY A 258 21.48 -0.70 33.05
CA GLY A 258 22.68 -0.90 33.83
C GLY A 258 22.91 -2.33 34.31
N HIS A 259 22.38 -3.30 33.57
CA HIS A 259 22.68 -4.70 33.84
C HIS A 259 23.25 -5.33 32.60
N GLU A 260 24.24 -6.20 32.76
CA GLU A 260 24.78 -6.95 31.65
C GLU A 260 23.82 -8.09 31.31
N LEU A 261 23.47 -8.20 30.04
CA LEU A 261 22.53 -9.21 29.62
C LEU A 261 23.29 -10.47 29.24
N PRO A 262 22.64 -11.63 29.41
CA PRO A 262 23.07 -12.89 28.79
C PRO A 262 23.28 -12.65 27.31
N PRO A 263 24.25 -13.31 26.70
CA PRO A 263 24.50 -13.05 25.27
C PRO A 263 23.36 -13.61 24.43
N PRO A 264 23.19 -13.01 23.23
CA PRO A 264 22.16 -13.45 22.27
C PRO A 264 22.34 -14.93 21.96
N ILE A 265 21.24 -15.69 21.99
CA ILE A 265 21.27 -17.11 21.67
C ILE A 265 22.08 -17.34 20.39
N ALA A 266 23.02 -18.28 20.44
CA ALA A 266 23.89 -18.53 19.30
C ALA A 266 23.13 -19.06 18.09
N PHE A 267 23.54 -18.62 16.91
CA PHE A 267 23.05 -19.18 15.65
C PHE A 267 21.56 -18.85 15.41
O3B GTP B 1 -9.78 -7.31 16.97
PB GTP B 1 -8.17 -7.41 16.90
O1B GTP B 1 -7.65 -7.63 18.30
O2B GTP B 1 -7.72 -8.50 15.95
O3A GTP B 1 -7.72 -5.96 16.35
PA GTP B 1 -6.85 -4.98 17.27
O1A GTP B 1 -7.75 -4.04 18.05
O2A GTP B 1 -5.96 -5.77 18.20
O5' GTP B 1 -5.97 -4.16 16.18
C5' GTP B 1 -4.61 -4.47 15.97
C4' GTP B 1 -4.23 -3.96 14.60
O4' GTP B 1 -4.98 -4.70 13.67
C3' GTP B 1 -4.63 -2.51 14.38
O3' GTP B 1 -3.61 -1.59 14.67
C2' GTP B 1 -5.03 -2.46 12.91
O2' GTP B 1 -3.91 -2.18 12.09
C1' GTP B 1 -5.55 -3.87 12.67
N9 GTP B 1 -7.01 -3.83 12.85
C8 GTP B 1 -7.73 -4.50 13.80
N7 GTP B 1 -9.04 -4.18 13.64
C5 GTP B 1 -9.17 -3.33 12.60
C6 GTP B 1 -10.27 -2.71 12.02
O6 GTP B 1 -11.41 -2.90 12.46
N1 GTP B 1 -10.07 -1.86 10.94
C2 GTP B 1 -8.80 -1.64 10.44
N2 GTP B 1 -8.62 -0.84 9.40
N3 GTP B 1 -7.71 -2.26 11.02
C4 GTP B 1 -7.89 -3.09 12.09
PC CCC B 62 -10.89 2.24 2.90
O1C CCC B 62 -10.41 3.62 3.29
O2C CCC B 62 -10.02 1.67 1.80
P CCC B 62 -17.45 2.45 4.93
OP1 CCC B 62 -18.30 3.16 3.90
OP2 CCC B 62 -17.94 1.18 5.58
O5' CCC B 62 -16.02 2.16 4.27
C5' CCC B 62 -15.20 3.22 3.78
C4' CCC B 62 -13.76 2.99 4.23
O4' CCC B 62 -13.71 2.67 5.62
C3' CCC B 62 -13.14 1.81 3.49
O3' CCC B 62 -12.39 2.33 2.41
C2' CCC B 62 -12.26 1.14 4.55
O2' CCC B 62 -10.87 1.27 4.19
C1' CCC B 62 -12.57 1.86 5.86
N1 CCC B 62 -12.87 0.94 6.96
C2 CCC B 62 -11.91 0.46 7.76
O2 CCC B 62 -10.74 0.77 7.60
N3 CCC B 62 -12.26 -0.36 8.74
C4 CCC B 62 -13.56 -0.66 8.85
N4 CCC B 62 -13.98 -1.48 9.80
C5 CCC B 62 -14.37 -0.15 8.04
C6 CCC B 62 -14.03 0.59 7.16
O3B GTP C 1 -16.15 -5.41 10.22
PB GTP C 1 -16.81 -4.50 9.05
O1B GTP C 1 -18.03 -5.21 8.49
O2B GTP C 1 -17.19 -3.13 9.58
O3A GTP C 1 -15.66 -4.35 7.93
PA GTP C 1 -15.51 -5.38 6.69
O1A GTP C 1 -15.04 -6.74 7.16
O2A GTP C 1 -16.80 -5.46 5.91
O5' GTP C 1 -14.37 -4.69 5.77
C5' GTP C 1 -14.38 -3.30 5.57
C4' GTP C 1 -12.93 -2.81 5.45
O4' GTP C 1 -12.48 -2.49 6.76
C3' GTP C 1 -11.96 -3.87 4.96
O3' GTP C 1 -11.83 -3.91 3.56
C2' GTP C 1 -10.68 -3.45 5.64
O2' GTP C 1 -10.04 -2.46 4.86
C1' GTP C 1 -11.13 -2.83 6.94
N9 GTP C 1 -11.04 -3.81 8.05
C8 GTP C 1 -12.10 -4.31 8.77
N7 GTP C 1 -11.62 -5.15 9.71
C5 GTP C 1 -10.27 -5.20 9.62
C6 GTP C 1 -9.29 -5.90 10.34
O6 GTP C 1 -9.61 -6.66 11.27
N1 GTP C 1 -7.96 -5.73 10.00
C2 GTP C 1 -7.61 -4.88 8.97
N2 GTP C 1 -6.33 -4.71 8.64
N3 GTP C 1 -8.58 -4.19 8.26
C4 GTP C 1 -9.90 -4.35 8.58
PC CCC C 62 0.42 -4.40 11.24
O1C CCC C 62 1.16 -4.68 9.96
O2C CCC C 62 0.59 -2.95 11.61
P CCC C 62 -0.76 -9.67 15.83
OP1 CCC C 62 0.63 -9.96 16.34
OP2 CCC C 62 -1.92 -9.44 16.78
O5' CCC C 62 -0.71 -8.49 14.73
C5' CCC C 62 0.43 -8.27 13.89
C4' CCC C 62 0.02 -7.52 12.64
O4' CCC C 62 -1.23 -8.03 12.16
C3' CCC C 62 -0.17 -6.02 12.90
O3' CCC C 62 0.97 -5.33 12.42
C2' CCC C 62 -1.44 -5.66 12.12
O2' CCC C 62 -1.14 -4.74 11.06
C1' CCC C 62 -2.00 -6.97 11.57
N1 CCC C 62 -3.42 -7.14 11.91
C2 CCC C 62 -4.38 -6.65 11.11
O2 CCC C 62 -4.14 -6.08 10.06
N3 CCC C 62 -5.65 -6.83 11.49
C4 CCC C 62 -5.85 -7.47 12.64
N4 CCC C 62 -7.09 -7.67 13.08
C5 CCC C 62 -4.86 -7.87 13.31
C6 CCC C 62 -3.73 -7.70 12.96
N LYS D 22 10.17 -27.69 -23.16
CA LYS D 22 9.46 -28.95 -23.40
C LYS D 22 9.81 -30.05 -22.37
N ASN D 23 10.76 -29.78 -21.48
CA ASN D 23 11.07 -30.72 -20.40
C ASN D 23 10.75 -30.14 -19.03
N TRP D 24 9.70 -30.66 -18.39
CA TRP D 24 9.16 -30.04 -17.19
C TRP D 24 9.66 -30.64 -15.88
N PHE D 25 9.36 -29.93 -14.78
CA PHE D 25 9.79 -30.33 -13.43
C PHE D 25 8.79 -29.97 -12.36
N LYS D 26 8.57 -30.90 -11.43
CA LYS D 26 7.75 -30.62 -10.27
C LYS D 26 8.66 -30.25 -9.11
N ILE D 27 8.38 -29.10 -8.49
CA ILE D 27 9.19 -28.62 -7.39
C ILE D 27 8.42 -28.81 -6.11
N THR D 28 8.90 -29.68 -5.23
CA THR D 28 8.19 -29.95 -3.98
C THR D 28 8.81 -29.23 -2.76
N ILE D 29 7.95 -28.81 -1.85
CA ILE D 29 8.38 -28.13 -0.64
C ILE D 29 7.64 -28.76 0.51
N PRO D 30 8.28 -29.73 1.19
CA PRO D 30 7.62 -30.48 2.26
C PRO D 30 7.15 -29.56 3.35
N TYR D 31 5.93 -29.73 3.85
CA TYR D 31 5.37 -28.85 4.89
C TYR D 31 5.14 -27.40 4.43
N GLY D 32 5.28 -27.16 3.12
CA GLY D 32 5.09 -25.84 2.54
C GLY D 32 3.73 -25.23 2.78
N ARG D 33 2.73 -26.06 3.06
CA ARG D 33 1.37 -25.59 3.32
C ARG D 33 1.28 -24.64 4.51
N LYS D 34 2.22 -24.81 5.46
CA LYS D 34 2.37 -23.97 6.65
C LYS D 34 2.51 -22.50 6.29
N TYR D 35 3.38 -22.23 5.33
CA TYR D 35 3.83 -20.88 5.05
C TYR D 35 2.89 -20.09 4.16
N ASP D 36 2.93 -18.77 4.33
CA ASP D 36 2.23 -17.86 3.47
C ASP D 36 2.79 -18.01 2.04
N LYS D 37 1.91 -18.32 1.08
CA LYS D 37 2.32 -18.45 -0.32
C LYS D 37 3.16 -17.27 -0.83
N ALA D 38 2.69 -16.06 -0.56
CA ALA D 38 3.39 -14.86 -1.02
C ALA D 38 4.80 -14.76 -0.42
N TRP D 39 4.92 -14.99 0.88
CA TRP D 39 6.24 -14.97 1.54
C TRP D 39 7.14 -16.05 0.98
N LEU D 40 6.61 -17.28 0.96
CA LEU D 40 7.35 -18.45 0.51
C LEU D 40 7.90 -18.22 -0.89
N LEU D 41 7.07 -17.71 -1.78
CA LEU D 41 7.50 -17.45 -3.14
C LEU D 41 8.54 -16.31 -3.25
N SER D 42 8.38 -15.25 -2.46
CA SER D 42 9.41 -14.21 -2.35
C SER D 42 10.76 -14.83 -2.06
N MET D 43 10.82 -15.56 -0.94
CA MET D 43 12.08 -16.12 -0.50
C MET D 43 12.72 -17.04 -1.57
N ILE D 44 11.92 -17.91 -2.17
CA ILE D 44 12.48 -18.81 -3.17
C ILE D 44 13.10 -18.00 -4.29
N GLN D 45 12.40 -16.94 -4.68
CA GLN D 45 12.84 -16.08 -5.75
C GLN D 45 14.11 -15.29 -5.35
N SER D 46 14.09 -14.69 -4.16
CA SER D 46 15.25 -13.97 -3.66
C SER D 46 16.49 -14.86 -3.57
N LYS D 47 16.32 -16.16 -3.29
CA LYS D 47 17.48 -17.03 -3.15
C LYS D 47 17.97 -17.64 -4.46
N CYS D 48 17.12 -17.66 -5.48
CA CYS D 48 17.39 -18.40 -6.70
C CYS D 48 18.31 -17.67 -7.70
N SER D 49 19.36 -18.36 -8.17
CA SER D 49 20.28 -17.85 -9.19
C SER D 49 19.51 -17.19 -10.31
N VAL D 50 18.62 -17.95 -10.93
CA VAL D 50 17.96 -17.51 -12.15
C VAL D 50 16.47 -17.21 -11.93
N PRO D 51 15.87 -16.43 -12.86
CA PRO D 51 14.44 -16.13 -12.80
C PRO D 51 13.64 -17.33 -13.28
N PHE D 52 12.46 -17.51 -12.70
CA PHE D 52 11.55 -18.55 -13.10
C PHE D 52 10.14 -18.05 -12.84
N THR D 53 9.16 -18.76 -13.39
CA THR D 53 7.79 -18.53 -12.99
C THR D 53 7.17 -19.87 -12.59
N PRO D 54 6.46 -19.87 -11.46
CA PRO D 54 5.85 -21.06 -10.88
C PRO D 54 4.52 -21.34 -11.55
N ILE D 55 4.39 -22.50 -12.20
CA ILE D 55 3.11 -22.89 -12.79
C ILE D 55 2.31 -23.75 -11.82
N GLU D 56 1.02 -23.42 -11.66
CA GLU D 56 0.13 -24.26 -10.84
C GLU D 56 0.65 -24.52 -9.41
N PHE D 57 1.07 -23.47 -8.72
CA PHE D 57 1.32 -23.57 -7.29
C PHE D 57 0.02 -23.97 -6.60
N HIS D 58 0.06 -25.05 -5.83
CA HIS D 58 -1.10 -25.54 -5.10
C HIS D 58 -0.65 -26.44 -3.96
N TYR D 59 -1.59 -26.78 -3.08
CA TYR D 59 -1.29 -27.64 -1.93
C TYR D 59 -1.86 -29.05 -2.06
N GLU D 60 -1.11 -30.01 -1.53
CA GLU D 60 -1.51 -31.41 -1.42
C GLU D 60 -1.08 -31.86 -0.02
N ASN D 61 -2.04 -32.32 0.80
CA ASN D 61 -1.77 -32.67 2.18
C ASN D 61 -1.08 -31.52 2.91
N THR D 62 0.16 -31.73 3.34
CA THR D 62 0.95 -30.69 3.98
C THR D 62 1.94 -30.06 2.99
N ARG D 63 2.06 -30.68 1.81
CA ARG D 63 3.03 -30.23 0.81
C ARG D 63 2.59 -28.95 0.09
N ALA D 64 3.57 -28.23 -0.45
CA ALA D 64 3.31 -27.21 -1.46
C ALA D 64 4.00 -27.68 -2.73
N GLN D 65 3.42 -27.36 -3.88
CA GLN D 65 3.97 -27.80 -5.15
C GLN D 65 3.80 -26.77 -6.23
N PHE D 66 4.70 -26.81 -7.21
CA PHE D 66 4.53 -26.04 -8.43
C PHE D 66 5.48 -26.60 -9.45
N PHE D 67 5.40 -26.08 -10.67
CA PHE D 67 6.12 -26.65 -11.80
C PHE D 67 7.00 -25.60 -12.42
N VAL D 68 7.96 -26.04 -13.22
CA VAL D 68 8.95 -25.14 -13.77
C VAL D 68 9.47 -25.73 -15.07
N GLU D 69 9.88 -24.86 -15.99
CA GLU D 69 9.97 -25.24 -17.39
C GLU D 69 11.18 -26.04 -17.87
N ASP D 70 12.37 -25.75 -17.34
CA ASP D 70 13.57 -26.41 -17.86
C ASP D 70 14.60 -26.85 -16.82
N ALA D 71 15.46 -27.77 -17.22
CA ALA D 71 16.47 -28.36 -16.35
C ALA D 71 17.27 -27.31 -15.57
N SER D 72 17.73 -26.28 -16.27
CA SER D 72 18.58 -25.28 -15.63
C SER D 72 17.86 -24.55 -14.50
N THR D 73 16.58 -24.26 -14.71
CA THR D 73 15.78 -23.60 -13.68
C THR D 73 15.54 -24.57 -12.54
N ALA D 74 15.32 -25.83 -12.92
CA ALA D 74 15.09 -26.89 -11.95
C ALA D 74 16.32 -27.01 -11.06
N SER D 75 17.49 -27.00 -11.69
CA SER D 75 18.75 -27.06 -10.95
C SER D 75 18.91 -25.85 -10.02
N ALA D 76 18.69 -24.65 -10.54
CA ALA D 76 18.80 -23.44 -9.75
C ALA D 76 17.87 -23.49 -8.55
N LEU D 77 16.78 -24.22 -8.69
CA LEU D 77 15.78 -24.33 -7.65
C LEU D 77 16.22 -25.34 -6.61
N LYS D 78 16.89 -26.40 -7.07
CA LYS D 78 17.40 -27.41 -6.14
C LYS D 78 18.37 -26.76 -5.17
N ALA D 79 19.31 -25.99 -5.73
CA ALA D 79 20.23 -25.19 -4.92
C ALA D 79 19.55 -24.42 -3.79
N VAL D 80 18.34 -23.92 -4.04
CA VAL D 80 17.59 -23.18 -3.02
C VAL D 80 17.22 -24.05 -1.81
N ASN D 81 17.37 -25.37 -1.94
CA ASN D 81 17.08 -26.27 -0.82
C ASN D 81 17.79 -25.80 0.45
N TYR D 82 17.04 -25.71 1.56
CA TYR D 82 17.58 -25.30 2.86
C TYR D 82 18.14 -23.86 2.95
N LYS D 83 18.09 -23.10 1.88
CA LYS D 83 18.56 -21.71 1.98
C LYS D 83 17.58 -20.80 2.70
N ILE D 84 16.34 -21.25 2.88
CA ILE D 84 15.34 -20.40 3.51
C ILE D 84 15.18 -20.70 4.99
N LEU D 85 15.32 -19.66 5.81
CA LEU D 85 15.16 -19.80 7.24
C LEU D 85 13.78 -19.30 7.62
N ASP D 86 12.97 -20.15 8.25
CA ASP D 86 11.60 -19.76 8.60
C ASP D 86 11.51 -19.09 9.96
N ARG D 87 10.33 -18.57 10.30
CA ARG D 87 10.17 -17.79 11.53
C ARG D 87 10.49 -18.56 12.81
N GLU D 88 10.69 -19.88 12.67
CA GLU D 88 10.99 -20.73 13.82
C GLU D 88 12.41 -21.30 13.71
N ASN D 89 13.26 -20.62 12.95
CA ASN D 89 14.65 -20.99 12.72
C ASN D 89 14.83 -22.37 12.11
N ARG D 90 13.82 -22.81 11.38
CA ARG D 90 13.86 -24.08 10.67
C ARG D 90 14.22 -23.76 9.22
N ARG D 91 15.12 -24.54 8.63
CA ARG D 91 15.43 -24.36 7.22
C ARG D 91 14.55 -25.22 6.30
N ILE D 92 14.13 -24.61 5.20
CA ILE D 92 13.10 -25.17 4.35
C ILE D 92 13.64 -26.10 3.26
N SER D 93 12.99 -27.25 3.13
CA SER D 93 13.37 -28.23 2.11
C SER D 93 12.78 -27.93 0.74
N ILE D 94 13.57 -28.18 -0.29
CA ILE D 94 13.14 -27.98 -1.68
C ILE D 94 13.61 -29.17 -2.53
N ILE D 95 12.65 -29.87 -3.12
CA ILE D 95 12.89 -31.12 -3.82
C ILE D 95 12.50 -31.04 -5.31
N ILE D 96 13.28 -31.71 -6.15
CA ILE D 96 13.14 -31.60 -7.60
C ILE D 96 12.82 -32.95 -8.19
N ASN D 97 11.87 -33.01 -9.13
CA ASN D 97 11.68 -34.20 -9.94
C ASN D 97 11.25 -33.81 -11.33
N SER D 98 11.80 -34.45 -12.36
CA SER D 98 11.28 -34.18 -13.69
C SER D 98 9.85 -34.68 -13.70
N SER D 99 9.02 -34.09 -14.55
CA SER D 99 7.64 -34.56 -14.64
C SER D 99 7.01 -34.27 -15.99
N ALA D 100 5.83 -34.87 -16.19
CA ALA D 100 5.02 -34.58 -17.35
C ALA D 100 4.52 -33.14 -17.22
N PRO D 101 4.31 -32.47 -18.35
CA PRO D 101 3.91 -31.06 -18.27
C PRO D 101 2.56 -30.93 -17.56
N PRO D 102 2.37 -29.86 -16.79
CA PRO D 102 1.08 -29.64 -16.12
C PRO D 102 -0.05 -29.37 -17.14
N HIS D 103 -1.28 -29.56 -16.67
CA HIS D 103 -2.44 -29.41 -17.53
C HIS D 103 -2.57 -28.03 -18.18
N THR D 104 -2.30 -26.97 -17.43
CA THR D 104 -2.46 -25.64 -18.01
C THR D 104 -1.46 -25.47 -19.16
N ILE D 105 -0.40 -26.27 -19.15
CA ILE D 105 0.57 -26.22 -20.23
C ILE D 105 0.15 -27.12 -21.40
N LEU D 106 -0.39 -28.29 -21.07
CA LEU D 106 -0.95 -29.15 -22.10
C LEU D 106 -2.08 -28.43 -22.83
N ASN D 107 -2.88 -27.68 -22.08
CA ASN D 107 -4.03 -26.98 -22.65
C ASN D 107 -3.69 -25.79 -23.54
N GLU D 108 -2.44 -25.34 -23.50
CA GLU D 108 -2.05 -24.22 -24.35
C GLU D 108 -2.08 -24.63 -25.81
N LEU D 109 -2.41 -23.67 -26.66
CA LEU D 109 -2.40 -23.92 -28.10
C LEU D 109 -0.98 -23.93 -28.65
N LYS D 110 -0.64 -25.01 -29.33
CA LYS D 110 0.59 -25.10 -30.10
C LYS D 110 0.50 -24.10 -31.26
N PRO D 111 1.66 -23.71 -31.80
CA PRO D 111 1.73 -22.74 -32.90
C PRO D 111 0.88 -23.15 -34.09
N GLU D 112 1.03 -24.42 -34.49
CA GLU D 112 0.21 -24.97 -35.56
C GLU D 112 -1.24 -24.62 -35.29
N GLN D 113 -1.65 -24.80 -34.03
CA GLN D 113 -3.02 -24.57 -33.63
C GLN D 113 -3.41 -23.09 -33.62
N VAL D 114 -2.49 -22.24 -33.20
CA VAL D 114 -2.73 -20.82 -33.14
C VAL D 114 -3.01 -20.31 -34.54
N GLU D 115 -2.34 -20.93 -35.50
CA GLU D 115 -2.42 -20.52 -36.89
C GLU D 115 -3.80 -20.85 -37.44
N GLN D 116 -4.36 -21.96 -36.97
CA GLN D 116 -5.72 -22.34 -37.32
C GLN D 116 -6.74 -21.43 -36.66
N LEU D 117 -6.54 -21.15 -35.37
CA LEU D 117 -7.36 -20.19 -34.68
C LEU D 117 -7.37 -18.86 -35.45
N LYS D 118 -6.20 -18.46 -35.96
CA LYS D 118 -6.09 -17.23 -36.74
C LYS D 118 -7.02 -17.29 -37.94
N LEU D 119 -6.88 -18.36 -38.71
CA LEU D 119 -7.74 -18.57 -39.87
C LEU D 119 -9.21 -18.55 -39.45
N ILE D 120 -9.56 -19.32 -38.44
CA ILE D 120 -10.96 -19.42 -38.04
C ILE D 120 -11.49 -18.05 -37.55
N MET D 121 -10.62 -17.22 -36.99
CA MET D 121 -11.08 -15.92 -36.56
C MET D 121 -11.34 -15.04 -37.77
N SER D 122 -10.46 -15.16 -38.76
CA SER D 122 -10.60 -14.43 -40.00
C SER D 122 -11.89 -14.85 -40.69
N LYS D 123 -12.24 -16.14 -40.65
CA LYS D 123 -13.47 -16.59 -41.26
C LYS D 123 -14.67 -15.99 -40.52
N ARG D 124 -14.50 -15.64 -39.25
CA ARG D 124 -15.62 -15.15 -38.45
C ARG D 124 -15.57 -13.63 -38.36
N TYR D 125 -14.70 -13.05 -39.18
CA TYR D 125 -14.52 -11.61 -39.23
C TYR D 125 -15.20 -11.00 -40.47
N ASP D 126 -16.15 -10.10 -40.20
CA ASP D 126 -16.80 -9.30 -41.24
C ASP D 126 -16.08 -7.96 -41.37
N GLY D 127 -15.14 -7.87 -42.31
CA GLY D 127 -14.42 -6.64 -42.52
C GLY D 127 -15.27 -5.39 -42.74
N SER D 128 -16.34 -5.53 -43.53
CA SER D 128 -17.21 -4.41 -43.89
C SER D 128 -17.82 -3.75 -42.67
N GLN D 129 -17.74 -4.42 -41.52
CA GLN D 129 -18.28 -3.84 -40.31
C GLN D 129 -17.24 -3.83 -39.20
N GLN D 130 -16.04 -4.32 -39.53
CA GLN D 130 -14.99 -4.46 -38.53
C GLN D 130 -15.56 -5.14 -37.29
N ALA D 131 -16.39 -6.16 -37.53
CA ALA D 131 -17.01 -6.91 -36.45
C ALA D 131 -16.48 -8.35 -36.46
N LEU D 132 -15.92 -8.78 -35.33
CA LEU D 132 -15.44 -10.14 -35.17
C LEU D 132 -16.39 -10.90 -34.26
N ASP D 133 -16.86 -12.03 -34.78
CA ASP D 133 -17.84 -12.80 -34.04
C ASP D 133 -17.23 -14.06 -33.42
N LEU D 134 -17.10 -14.07 -32.10
CA LEU D 134 -16.51 -15.19 -31.38
C LEU D 134 -17.54 -15.79 -30.40
N LYS D 135 -18.81 -15.67 -30.75
CA LYS D 135 -19.86 -16.25 -29.93
C LYS D 135 -19.74 -17.77 -29.90
N GLY D 136 -19.82 -18.35 -28.69
CA GLY D 136 -19.76 -19.80 -28.53
C GLY D 136 -18.59 -20.38 -29.32
N LEU D 137 -17.48 -19.66 -29.33
CA LEU D 137 -16.28 -20.06 -30.07
C LEU D 137 -15.92 -21.55 -29.96
N ARG D 138 -16.08 -22.10 -28.77
CA ARG D 138 -15.56 -23.42 -28.43
C ARG D 138 -16.09 -24.53 -29.34
N SER D 139 -17.30 -24.35 -29.86
CA SER D 139 -17.87 -25.39 -30.71
C SER D 139 -17.79 -25.04 -32.18
N ASP D 140 -16.86 -24.17 -32.55
CA ASP D 140 -16.71 -23.85 -33.95
C ASP D 140 -16.37 -25.16 -34.66
N PRO D 141 -17.08 -25.47 -35.75
CA PRO D 141 -16.95 -26.74 -36.47
C PRO D 141 -15.53 -27.00 -36.97
N ASP D 142 -14.84 -25.98 -37.43
CA ASP D 142 -13.47 -26.16 -37.89
C ASP D 142 -12.52 -26.39 -36.72
N LEU D 143 -12.84 -25.84 -35.55
CA LEU D 143 -12.03 -26.09 -34.37
C LEU D 143 -12.25 -27.53 -33.86
N VAL D 144 -13.41 -27.90 -33.76
CA VAL D 144 -13.72 -29.26 -33.35
C VAL D 144 -13.09 -30.29 -34.29
N ALA D 145 -13.31 -30.09 -35.58
CA ALA D 145 -12.82 -31.03 -36.59
C ALA D 145 -11.31 -31.23 -36.49
N GLN D 146 -10.60 -30.20 -36.05
CA GLN D 146 -9.15 -30.30 -35.97
C GLN D 146 -8.67 -30.61 -34.57
N ASN D 147 -9.64 -30.85 -33.70
CA ASN D 147 -9.33 -31.18 -32.32
C ASN D 147 -8.52 -30.11 -31.60
N ILE D 148 -8.98 -28.86 -31.83
CA ILE D 148 -8.40 -27.77 -31.07
C ILE D 148 -9.46 -27.36 -30.07
N ASP D 149 -9.07 -27.23 -28.82
CA ASP D 149 -10.03 -26.89 -27.78
C ASP D 149 -9.80 -25.45 -27.38
N VAL D 150 -10.71 -24.56 -27.75
CA VAL D 150 -10.58 -23.15 -27.40
C VAL D 150 -11.53 -22.77 -26.27
N VAL D 151 -10.95 -22.51 -25.11
CA VAL D 151 -11.71 -22.16 -23.93
C VAL D 151 -11.22 -20.79 -23.53
N LEU D 152 -11.98 -19.79 -23.94
CA LEU D 152 -11.54 -18.40 -23.82
C LEU D 152 -11.32 -17.98 -22.38
N ASN D 153 -11.89 -18.72 -21.45
CA ASN D 153 -11.77 -18.40 -20.04
C ASN D 153 -10.38 -18.77 -19.51
N ARG D 154 -9.61 -19.50 -20.30
CA ARG D 154 -8.19 -19.76 -19.99
C ARG D 154 -7.36 -18.57 -20.42
N ARG D 155 -6.43 -18.13 -19.58
CA ARG D 155 -5.65 -16.95 -19.95
C ARG D 155 -4.80 -17.20 -21.17
N SER D 156 -4.25 -18.40 -21.28
CA SER D 156 -3.37 -18.74 -22.39
C SER D 156 -4.15 -18.59 -23.69
N CYS D 157 -5.43 -18.90 -23.61
CA CYS D 157 -6.26 -18.96 -24.78
C CYS D 157 -6.85 -17.59 -25.12
N MET D 158 -7.36 -16.91 -24.11
CA MET D 158 -7.82 -15.54 -24.26
C MET D 158 -6.68 -14.65 -24.73
N ALA D 159 -5.46 -15.00 -24.34
CA ALA D 159 -4.31 -14.16 -24.66
C ALA D 159 -3.85 -14.36 -26.09
N ALA D 160 -3.97 -15.59 -26.58
CA ALA D 160 -3.55 -15.88 -27.95
C ALA D 160 -4.53 -15.23 -28.93
N THR D 161 -5.77 -15.10 -28.48
CA THR D 161 -6.83 -14.51 -29.28
C THR D 161 -6.56 -13.01 -29.42
N LEU D 162 -6.30 -12.38 -28.28
CA LEU D 162 -6.05 -10.95 -28.28
C LEU D 162 -4.78 -10.64 -29.07
N ARG D 163 -3.84 -11.56 -29.05
CA ARG D 163 -2.65 -11.37 -29.83
C ARG D 163 -3.06 -11.27 -31.28
N ILE D 164 -3.91 -12.19 -31.70
CA ILE D 164 -4.33 -12.27 -33.09
C ILE D 164 -5.04 -10.99 -33.55
N ILE D 165 -5.93 -10.51 -32.70
CA ILE D 165 -6.63 -9.27 -32.94
C ILE D 165 -5.64 -8.11 -33.07
N GLU D 166 -4.86 -7.88 -32.02
CA GLU D 166 -3.88 -6.80 -32.02
C GLU D 166 -3.01 -6.81 -33.25
N GLU D 167 -2.56 -7.98 -33.68
CA GLU D 167 -1.61 -8.09 -34.78
C GLU D 167 -2.24 -8.02 -36.17
N ASN D 168 -3.55 -8.26 -36.27
CA ASN D 168 -4.17 -8.38 -37.59
C ASN D 168 -5.35 -7.44 -37.80
N ILE D 169 -5.92 -6.96 -36.71
CA ILE D 169 -7.06 -6.07 -36.80
C ILE D 169 -7.05 -5.10 -35.63
N PRO D 170 -5.99 -4.29 -35.53
CA PRO D 170 -5.80 -3.33 -34.43
C PRO D 170 -6.99 -2.39 -34.29
N GLU D 171 -7.65 -2.11 -35.41
CA GLU D 171 -8.76 -1.16 -35.43
CA GLU D 171 -8.76 -1.16 -35.39
C GLU D 171 -10.14 -1.84 -35.37
N LEU D 172 -10.20 -3.01 -34.75
CA LEU D 172 -11.45 -3.75 -34.59
C LEU D 172 -12.49 -2.87 -33.92
N LEU D 173 -13.70 -2.89 -34.45
CA LEU D 173 -14.79 -2.05 -33.97
C LEU D 173 -15.77 -2.81 -33.09
N SER D 174 -16.13 -4.02 -33.53
CA SER D 174 -17.13 -4.82 -32.82
C SER D 174 -16.58 -6.18 -32.41
N LEU D 175 -16.89 -6.59 -31.18
CA LEU D 175 -16.45 -7.88 -30.66
C LEU D 175 -17.61 -8.65 -30.02
N ASN D 176 -17.93 -9.80 -30.58
CA ASN D 176 -18.92 -10.68 -29.99
C ASN D 176 -18.27 -11.81 -29.19
N LEU D 177 -18.40 -11.75 -27.86
CA LEU D 177 -17.82 -12.77 -26.96
C LEU D 177 -18.91 -13.48 -26.18
N SER D 178 -20.10 -13.52 -26.74
CA SER D 178 -21.22 -14.14 -26.04
C SER D 178 -21.04 -15.67 -25.97
N ASN D 179 -21.62 -16.26 -24.94
CA ASN D 179 -21.74 -17.73 -24.86
C ASN D 179 -20.40 -18.44 -24.90
N ASN D 180 -19.49 -18.03 -24.03
CA ASN D 180 -18.16 -18.60 -24.00
C ASN D 180 -17.77 -19.04 -22.57
N ARG D 181 -18.76 -19.09 -21.69
CA ARG D 181 -18.54 -19.51 -20.32
C ARG D 181 -17.45 -18.69 -19.59
N LEU D 182 -17.40 -17.39 -19.86
CA LEU D 182 -16.45 -16.52 -19.17
C LEU D 182 -16.86 -16.28 -17.71
N TYR D 183 -15.94 -16.55 -16.79
CA TYR D 183 -16.20 -16.44 -15.36
C TYR D 183 -15.64 -15.15 -14.79
N ARG D 184 -14.81 -14.48 -15.57
CA ARG D 184 -14.26 -13.18 -15.17
C ARG D 184 -13.43 -12.57 -16.28
N LEU D 185 -13.19 -11.26 -16.20
CA LEU D 185 -12.59 -10.55 -17.34
C LEU D 185 -11.08 -10.29 -17.22
N ASP D 186 -10.47 -10.91 -16.22
CA ASP D 186 -9.05 -10.70 -15.89
C ASP D 186 -8.08 -10.80 -17.06
N ASP D 187 -8.19 -11.88 -17.84
CA ASP D 187 -7.24 -12.12 -18.91
C ASP D 187 -7.55 -11.22 -20.09
N MET D 188 -8.57 -10.40 -19.88
CA MET D 188 -9.07 -9.52 -20.91
C MET D 188 -8.68 -8.07 -20.63
N SER D 189 -8.00 -7.83 -19.52
CA SER D 189 -7.77 -6.45 -19.09
C SER D 189 -7.01 -5.63 -20.14
N SER D 190 -6.06 -6.27 -20.81
CA SER D 190 -5.21 -5.56 -21.77
C SER D 190 -5.93 -5.23 -23.06
N ILE D 191 -7.24 -5.46 -23.12
CA ILE D 191 -7.97 -5.27 -24.38
C ILE D 191 -8.02 -3.80 -24.75
N VAL D 192 -8.11 -2.96 -23.73
CA VAL D 192 -8.02 -1.53 -23.89
C VAL D 192 -6.86 -1.11 -24.81
N GLN D 193 -5.68 -1.67 -24.62
CA GLN D 193 -4.58 -1.30 -25.49
C GLN D 193 -4.57 -2.08 -26.79
N LYS D 194 -5.03 -3.33 -26.73
CA LYS D 194 -5.03 -4.20 -27.90
C LYS D 194 -6.12 -3.90 -28.93
N ALA D 195 -7.23 -3.36 -28.48
CA ALA D 195 -8.29 -2.93 -29.38
C ALA D 195 -8.70 -1.49 -29.09
N PRO D 196 -7.85 -0.52 -29.48
CA PRO D 196 -8.00 0.88 -29.09
C PRO D 196 -9.27 1.49 -29.68
N ASN D 197 -9.77 0.88 -30.75
CA ASN D 197 -10.96 1.36 -31.43
C ASN D 197 -12.27 0.68 -31.03
N LEU D 198 -12.19 -0.36 -30.19
CA LEU D 198 -13.37 -1.18 -29.95
C LEU D 198 -14.50 -0.38 -29.31
N LYS D 199 -15.66 -0.41 -29.94
CA LYS D 199 -16.79 0.39 -29.49
C LYS D 199 -18.03 -0.45 -29.27
N ILE D 200 -18.01 -1.66 -29.81
CA ILE D 200 -19.14 -2.56 -29.66
C ILE D 200 -18.70 -3.88 -29.05
N LEU D 201 -19.18 -4.17 -27.84
CA LEU D 201 -18.80 -5.37 -27.13
C LEU D 201 -20.01 -6.16 -26.63
N ASN D 202 -20.11 -7.42 -27.08
CA ASN D 202 -21.10 -8.38 -26.59
C ASN D 202 -20.54 -9.38 -25.59
N LEU D 203 -21.00 -9.33 -24.35
CA LEU D 203 -20.55 -10.25 -23.30
C LEU D 203 -21.73 -11.03 -22.71
N SER D 204 -22.82 -11.10 -23.46
CA SER D 204 -24.01 -11.78 -22.97
C SER D 204 -23.83 -13.29 -22.89
N GLY D 205 -24.65 -13.93 -22.04
CA GLY D 205 -24.67 -15.38 -21.98
C GLY D 205 -23.40 -15.95 -21.39
N ASN D 206 -22.73 -15.17 -20.54
CA ASN D 206 -21.56 -15.67 -19.85
C ASN D 206 -21.84 -15.87 -18.37
N GLU D 207 -20.80 -15.96 -17.58
CA GLU D 207 -20.96 -16.37 -16.19
C GLU D 207 -20.39 -15.34 -15.28
N LEU D 208 -20.55 -14.07 -15.63
CA LEU D 208 -19.99 -12.97 -14.86
C LEU D 208 -20.89 -12.64 -13.69
N LYS D 209 -20.28 -12.36 -12.53
CA LYS D 209 -20.98 -12.36 -11.25
C LYS D 209 -21.29 -10.97 -10.67
N SER D 210 -20.51 -9.97 -11.05
CA SER D 210 -20.75 -8.64 -10.54
C SER D 210 -20.35 -7.58 -11.56
N GLU D 211 -20.76 -6.34 -11.30
CA GLU D 211 -20.46 -5.23 -12.19
C GLU D 211 -18.99 -4.85 -12.09
N ARG D 212 -18.35 -5.20 -10.98
CA ARG D 212 -16.92 -4.92 -10.82
C ARG D 212 -16.08 -5.55 -11.93
N GLU D 213 -16.60 -6.60 -12.56
CA GLU D 213 -15.86 -7.24 -13.65
C GLU D 213 -15.51 -6.26 -14.76
N LEU D 214 -16.27 -5.18 -14.83
CA LEU D 214 -16.14 -4.21 -15.91
C LEU D 214 -15.00 -3.25 -15.68
N ASP D 215 -14.57 -3.12 -14.43
CA ASP D 215 -13.50 -2.20 -14.10
C ASP D 215 -12.21 -2.69 -14.71
N LYS D 216 -12.16 -3.99 -14.95
CA LYS D 216 -11.00 -4.62 -15.57
C LYS D 216 -10.94 -4.22 -17.02
N ILE D 217 -12.03 -3.63 -17.49
CA ILE D 217 -12.20 -3.36 -18.92
C ILE D 217 -12.66 -1.90 -19.20
N LYS D 218 -12.73 -1.07 -18.16
CA LYS D 218 -13.31 0.28 -18.24
C LYS D 218 -12.55 1.26 -19.12
N GLY D 219 -11.35 0.91 -19.55
CA GLY D 219 -10.66 1.74 -20.52
C GLY D 219 -11.49 1.98 -21.77
N LEU D 220 -12.21 0.95 -22.19
CA LEU D 220 -12.93 0.94 -23.47
C LEU D 220 -13.95 2.06 -23.66
N LYS D 221 -13.90 2.71 -24.83
CA LYS D 221 -14.83 3.80 -25.11
C LYS D 221 -16.06 3.24 -25.83
N LEU D 222 -16.89 2.53 -25.09
CA LEU D 222 -17.96 1.77 -25.70
C LEU D 222 -19.20 2.59 -25.97
N GLU D 223 -19.77 2.34 -27.14
CA GLU D 223 -21.06 2.91 -27.50
C GLU D 223 -22.14 1.85 -27.49
N GLU D 224 -21.73 0.58 -27.47
CA GLU D 224 -22.65 -0.54 -27.32
C GLU D 224 -22.08 -1.66 -26.45
N LEU D 225 -22.88 -2.09 -25.48
CA LEU D 225 -22.55 -3.17 -24.59
C LEU D 225 -23.72 -4.13 -24.46
N TRP D 226 -23.41 -5.41 -24.32
CA TRP D 226 -24.41 -6.43 -24.02
C TRP D 226 -23.93 -7.20 -22.82
N LEU D 227 -24.79 -7.31 -21.81
CA LEU D 227 -24.45 -7.98 -20.57
C LEU D 227 -25.48 -9.00 -20.14
N ASP D 228 -26.63 -9.02 -20.79
CA ASP D 228 -27.73 -9.86 -20.33
C ASP D 228 -27.32 -11.32 -20.33
N GLY D 229 -27.90 -12.10 -19.42
CA GLY D 229 -27.55 -13.50 -19.30
C GLY D 229 -26.59 -13.80 -18.15
N ASN D 230 -25.86 -12.78 -17.73
CA ASN D 230 -24.98 -12.91 -16.59
C ASN D 230 -25.74 -12.82 -15.26
N SER D 231 -25.26 -13.53 -14.25
CA SER D 231 -25.89 -13.49 -12.94
C SER D 231 -25.73 -12.12 -12.28
N LEU D 232 -24.77 -11.34 -12.78
CA LEU D 232 -24.59 -10.00 -12.27
C LEU D 232 -25.88 -9.19 -12.45
N CYS D 233 -26.58 -9.41 -13.55
CA CYS D 233 -27.83 -8.73 -13.85
C CYS D 233 -28.90 -8.95 -12.77
N ASP D 234 -29.04 -10.21 -12.35
CA ASP D 234 -30.07 -10.61 -11.41
C ASP D 234 -29.76 -10.07 -10.01
N THR D 235 -28.86 -9.10 -9.96
CA THR D 235 -28.38 -8.62 -8.70
C THR D 235 -28.67 -7.12 -8.55
N PHE D 236 -29.64 -6.66 -9.32
CA PHE D 236 -30.02 -5.24 -9.28
C PHE D 236 -31.48 -5.00 -8.90
N ARG D 237 -31.69 -4.01 -8.04
CA ARG D 237 -33.02 -3.63 -7.55
C ARG D 237 -34.01 -3.39 -8.69
N ASP D 238 -33.70 -2.42 -9.54
CA ASP D 238 -34.48 -2.13 -10.72
C ASP D 238 -33.48 -1.91 -11.86
N GLN D 239 -33.98 -1.61 -13.05
CA GLN D 239 -33.07 -1.35 -14.16
C GLN D 239 -32.44 0.05 -14.09
N SER D 240 -33.07 0.94 -13.34
CA SER D 240 -32.50 2.25 -13.10
C SER D 240 -31.11 2.10 -12.50
N THR D 241 -31.03 1.35 -11.40
CA THR D 241 -29.77 1.08 -10.72
C THR D 241 -28.79 0.42 -11.67
N TYR D 242 -29.27 -0.63 -12.31
CA TYR D 242 -28.50 -1.38 -13.30
C TYR D 242 -27.89 -0.47 -14.35
N ILE D 243 -28.74 0.29 -15.04
CA ILE D 243 -28.28 1.18 -16.11
C ILE D 243 -27.21 2.18 -15.66
N SER D 244 -27.50 2.97 -14.63
CA SER D 244 -26.52 3.95 -14.15
C SER D 244 -25.24 3.28 -13.62
N ALA D 245 -25.37 2.05 -13.14
CA ALA D 245 -24.23 1.29 -12.63
C ALA D 245 -23.24 0.93 -13.74
N ILE D 246 -23.77 0.59 -14.91
CA ILE D 246 -22.92 0.29 -16.06
C ILE D 246 -22.32 1.57 -16.64
N ARG D 247 -23.15 2.62 -16.68
CA ARG D 247 -22.74 3.89 -17.27
C ARG D 247 -21.61 4.56 -16.47
N GLU D 248 -21.38 4.08 -15.25
CA GLU D 248 -20.25 4.56 -14.46
C GLU D 248 -18.96 4.22 -15.16
N ARG D 249 -18.95 3.12 -15.89
CA ARG D 249 -17.74 2.64 -16.56
C ARG D 249 -17.70 3.13 -18.00
N PHE D 250 -18.88 3.31 -18.57
CA PHE D 250 -18.98 3.74 -19.97
C PHE D 250 -19.95 4.92 -20.15
N PRO D 251 -19.46 6.13 -19.90
CA PRO D 251 -20.32 7.32 -19.92
C PRO D 251 -20.86 7.55 -21.32
N LYS D 252 -20.04 7.24 -22.32
CA LYS D 252 -20.41 7.45 -23.71
C LYS D 252 -21.33 6.36 -24.26
N LEU D 253 -21.87 5.53 -23.36
CA LEU D 253 -22.67 4.37 -23.79
C LEU D 253 -24.04 4.74 -24.32
N LEU D 254 -24.33 4.29 -25.53
CA LEU D 254 -25.58 4.60 -26.23
C LEU D 254 -26.63 3.49 -26.11
N ARG D 255 -26.24 2.24 -26.37
CA ARG D 255 -27.15 1.12 -26.30
C ARG D 255 -26.66 0.04 -25.34
N LEU D 256 -27.57 -0.48 -24.54
CA LEU D 256 -27.24 -1.53 -23.58
C LEU D 256 -28.26 -2.66 -23.64
N ASP D 257 -27.77 -3.85 -23.98
CA ASP D 257 -28.62 -5.04 -24.04
C ASP D 257 -29.71 -4.90 -25.10
N GLY D 258 -29.40 -4.15 -26.15
CA GLY D 258 -30.27 -4.02 -27.30
C GLY D 258 -31.20 -2.83 -27.20
N HIS D 259 -31.17 -2.17 -26.06
CA HIS D 259 -32.04 -1.03 -25.83
C HIS D 259 -31.27 0.28 -25.88
N GLU D 260 -31.81 1.24 -26.62
CA GLU D 260 -31.27 2.60 -26.64
C GLU D 260 -31.48 3.21 -25.26
N LEU D 261 -30.47 3.94 -24.78
CA LEU D 261 -30.59 4.61 -23.51
C LEU D 261 -30.95 6.06 -23.79
N PRO D 262 -31.67 6.70 -22.85
CA PRO D 262 -31.78 8.16 -22.85
C PRO D 262 -30.39 8.79 -22.85
N PRO D 263 -30.27 10.07 -23.22
CA PRO D 263 -28.97 10.73 -23.37
C PRO D 263 -28.29 11.08 -22.05
N PRO D 264 -26.97 11.27 -22.09
CA PRO D 264 -26.17 11.82 -21.00
C PRO D 264 -26.06 13.34 -21.14
N ILE D 265 -25.23 13.97 -20.32
CA ILE D 265 -24.98 15.42 -20.41
C ILE D 265 -23.53 15.74 -20.03
#